data_5Z2I
#
_entry.id   5Z2I
#
_cell.length_a   42.455
_cell.length_b   70.832
_cell.length_c   60.005
_cell.angle_alpha   90.00
_cell.angle_beta   92.17
_cell.angle_gamma   90.00
#
_symmetry.space_group_name_H-M   'P 1 21 1'
#
loop_
_entity.id
_entity.type
_entity.pdbx_description
1 polymer 'Dictyostelium discoideum mitochondrial calcium uniporter'
2 water water
#
_entity_poly.entity_id   1
_entity_poly.type   'polypeptide(L)'
_entity_poly.pdbx_seq_one_letter_code
;(MSE)HHHHHHEGELKTI(MSE)GQAKVSKLQEK(MSE)KLDPRSKITFNDFKGIAKEVGIEEKEINSVSNALAQSGSII
YLPNSLNENLKTSVFTKPAHIYQSLEHILDIENKGVG
;
_entity_poly.pdbx_strand_id   A,B,C,D
#
# COMPACT_ATOMS: atom_id res chain seq x y z
N GLU A 8 14.01 -4.72 5.25
CA GLU A 8 14.50 -5.31 4.02
C GLU A 8 14.82 -6.83 4.15
N GLY A 9 15.90 -7.18 4.84
CA GLY A 9 16.25 -8.60 4.95
C GLY A 9 15.43 -9.29 6.03
N GLU A 10 15.31 -10.62 5.91
CA GLU A 10 14.39 -11.36 6.77
C GLU A 10 14.78 -11.26 8.24
N LEU A 11 16.09 -11.28 8.55
CA LEU A 11 16.52 -11.29 9.95
C LEU A 11 16.21 -9.98 10.64
N LYS A 12 16.58 -8.87 9.99
CA LYS A 12 16.24 -7.55 10.51
C LYS A 12 14.74 -7.41 10.75
N THR A 13 13.93 -7.91 9.81
CA THR A 13 12.47 -7.85 9.98
C THR A 13 12.04 -8.62 11.22
N ILE A 14 12.49 -9.86 11.35
CA ILE A 14 12.08 -10.70 12.46
C ILE A 14 12.50 -10.09 13.78
N GLY A 16 13.26 -6.93 14.49
CA GLY A 16 12.44 -5.77 14.79
C GLY A 16 11.10 -6.17 15.37
N GLN A 17 10.50 -7.22 14.79
CA GLN A 17 9.20 -7.72 15.28
C GLN A 17 9.32 -8.30 16.67
N ALA A 18 10.45 -8.92 17.00
CA ALA A 18 10.61 -9.53 18.31
C ALA A 18 10.46 -8.50 19.42
N LYS A 19 10.95 -7.28 19.19
CA LYS A 19 10.79 -6.23 20.20
C LYS A 19 9.32 -5.96 20.49
N VAL A 20 8.48 -5.89 19.45
CA VAL A 20 7.06 -5.63 19.66
C VAL A 20 6.39 -6.83 20.33
N SER A 21 6.90 -8.03 20.11
CA SER A 21 6.40 -9.19 20.86
C SER A 21 6.78 -9.10 22.34
N LYS A 22 8.00 -8.67 22.63
CA LYS A 22 8.37 -8.44 24.03
C LYS A 22 7.55 -7.30 24.63
N LEU A 23 7.19 -6.28 23.83
CA LEU A 23 6.27 -5.27 24.33
C LEU A 23 4.95 -5.91 24.74
N GLN A 24 4.40 -6.79 23.89
CA GLN A 24 3.13 -7.41 24.22
C GLN A 24 3.23 -8.25 25.48
N GLU A 25 4.36 -8.92 25.64
CA GLU A 25 4.59 -9.77 26.81
C GLU A 25 4.59 -8.92 28.08
N LYS A 26 5.30 -7.80 28.05
CA LYS A 26 5.37 -6.91 29.22
C LYS A 26 3.99 -6.37 29.57
N LYS A 28 1.11 -7.87 29.04
CA LYS A 28 0.39 -8.99 29.66
C LYS A 28 0.71 -9.10 31.15
N LEU A 29 1.99 -8.97 31.52
CA LEU A 29 2.42 -9.14 32.90
C LEU A 29 2.14 -7.91 33.77
N ASP A 30 2.03 -6.72 33.19
CA ASP A 30 1.71 -5.53 33.96
C ASP A 30 0.29 -5.65 34.52
N PRO A 31 0.08 -5.43 35.81
CA PRO A 31 -1.28 -5.59 36.38
C PRO A 31 -2.27 -4.54 35.89
N ARG A 32 -1.80 -3.37 35.46
CA ARG A 32 -2.69 -2.34 34.96
C ARG A 32 -3.30 -2.76 33.63
N SER A 33 -4.56 -2.40 33.42
CA SER A 33 -5.20 -2.63 32.14
C SER A 33 -5.36 -1.36 31.32
N LYS A 34 -5.00 -0.21 31.90
CA LYS A 34 -5.16 1.10 31.26
C LYS A 34 -3.99 1.95 31.71
N ILE A 35 -3.21 2.49 30.76
CA ILE A 35 -2.03 3.26 31.10
C ILE A 35 -1.97 4.46 30.18
N THR A 36 -1.22 5.48 30.60
CA THR A 36 -1.02 6.62 29.72
C THR A 36 -0.16 6.22 28.53
N PHE A 37 -0.27 7.02 27.47
CA PHE A 37 0.55 6.83 26.29
C PHE A 37 2.00 7.05 26.71
N ASN A 38 2.24 8.04 27.58
CA ASN A 38 3.58 8.30 28.05
C ASN A 38 4.16 7.07 28.73
N ASP A 39 3.35 6.38 29.54
CA ASP A 39 3.80 5.14 30.18
C ASP A 39 4.01 4.04 29.14
N PHE A 40 3.15 3.98 28.13
CA PHE A 40 3.31 2.98 27.08
C PHE A 40 4.62 3.21 26.31
N LYS A 41 4.88 4.46 25.95
CA LYS A 41 6.19 4.85 25.42
C LYS A 41 7.34 4.30 26.25
N GLY A 42 7.21 4.37 27.57
CA GLY A 42 8.32 4.00 28.43
C GLY A 42 8.53 2.50 28.51
N ILE A 43 7.44 1.74 28.59
CA ILE A 43 7.55 0.28 28.55
C ILE A 43 8.16 -0.14 27.22
N ALA A 44 7.77 0.52 26.12
CA ALA A 44 8.30 0.17 24.82
C ALA A 44 9.79 0.45 24.74
N LYS A 45 10.24 1.57 25.31
CA LYS A 45 11.67 1.86 25.36
C LYS A 45 12.45 0.78 26.09
N GLU A 46 11.88 0.22 27.15
CA GLU A 46 12.48 -0.86 27.91
C GLU A 46 12.87 -2.07 27.05
N VAL A 47 12.11 -2.34 26.01
CA VAL A 47 12.40 -3.47 25.13
C VAL A 47 13.04 -3.01 23.83
N GLY A 48 13.58 -1.80 23.80
CA GLY A 48 14.39 -1.37 22.67
C GLY A 48 13.65 -0.69 21.55
N ILE A 49 12.38 -0.36 21.74
CA ILE A 49 11.61 0.37 20.76
C ILE A 49 11.78 1.86 21.06
N GLU A 50 12.34 2.60 20.12
CA GLU A 50 12.63 4.01 20.33
C GLU A 50 11.39 4.86 20.11
N GLU A 51 11.46 6.10 20.60
CA GLU A 51 10.35 7.02 20.45
C GLU A 51 10.07 7.32 18.98
N LYS A 52 11.09 7.22 18.12
CA LYS A 52 10.89 7.44 16.69
C LYS A 52 9.99 6.38 16.08
N GLU A 53 9.96 5.16 16.65
CA GLU A 53 9.14 4.09 16.11
C GLU A 53 7.82 3.90 16.84
N ILE A 54 7.53 4.71 17.86
CA ILE A 54 6.43 4.36 18.76
C ILE A 54 5.07 4.59 18.10
N ASN A 55 4.95 5.63 17.26
CA ASN A 55 3.68 5.84 16.57
C ASN A 55 3.36 4.69 15.64
N SER A 56 4.36 4.21 14.89
CA SER A 56 4.14 3.09 13.98
C SER A 56 3.78 1.82 14.73
N VAL A 57 4.48 1.54 15.83
CA VAL A 57 4.20 0.34 16.61
C VAL A 57 2.82 0.43 17.25
N SER A 58 2.42 1.61 17.74
CA SER A 58 1.10 1.73 18.35
C SER A 58 0.00 1.56 17.31
N ASN A 59 0.24 2.07 16.09
N ASN A 59 0.23 2.04 16.09
CA ASN A 59 -0.75 1.89 15.02
CA ASN A 59 -0.78 1.86 15.06
C ASN A 59 -0.90 0.43 14.64
C ASN A 59 -0.91 0.40 14.65
N ALA A 60 0.22 -0.31 14.58
CA ALA A 60 0.14 -1.73 14.23
C ALA A 60 -0.51 -2.54 15.36
N LEU A 61 -0.27 -2.17 16.62
CA LEU A 61 -0.88 -2.88 17.72
C LEU A 61 -2.37 -2.59 17.81
N ALA A 62 -2.77 -1.36 17.48
CA ALA A 62 -4.20 -1.03 17.47
C ALA A 62 -4.92 -1.73 16.34
N GLN A 63 -4.34 -1.71 15.14
CA GLN A 63 -5.00 -2.41 14.03
C GLN A 63 -5.00 -3.92 14.21
N SER A 64 -4.07 -4.46 14.99
N SER A 64 -4.05 -4.45 14.99
CA SER A 64 -4.07 -5.88 15.25
CA SER A 64 -4.02 -5.87 15.31
C SER A 64 -4.98 -6.26 16.40
C SER A 64 -5.03 -6.26 16.37
N GLY A 65 -5.64 -5.28 17.02
CA GLY A 65 -6.54 -5.57 18.12
C GLY A 65 -5.87 -5.81 19.43
N SER A 66 -4.55 -5.60 19.50
CA SER A 66 -3.77 -5.94 20.69
C SER A 66 -3.82 -4.85 21.76
N ILE A 67 -4.07 -3.60 21.36
CA ILE A 67 -4.34 -2.51 22.29
C ILE A 67 -5.55 -1.75 21.75
N ILE A 68 -6.19 -0.99 22.63
CA ILE A 68 -7.08 0.09 22.21
C ILE A 68 -6.39 1.39 22.56
N TYR A 69 -6.22 2.24 21.56
CA TYR A 69 -5.59 3.54 21.70
C TYR A 69 -6.29 4.47 20.73
N LEU A 70 -6.86 5.55 21.25
CA LEU A 70 -7.78 6.42 20.50
C LEU A 70 -7.30 7.86 20.59
N PRO A 71 -6.17 8.19 19.97
CA PRO A 71 -5.57 9.51 20.20
C PRO A 71 -6.43 10.67 19.70
N ASN A 72 -7.33 10.43 18.75
CA ASN A 72 -8.17 11.49 18.20
C ASN A 72 -9.46 11.70 18.97
N SER A 73 -9.77 10.85 19.94
CA SER A 73 -10.98 10.99 20.74
C SER A 73 -11.12 12.38 21.36
N LEU A 74 -12.34 12.86 21.53
CA LEU A 74 -12.56 14.10 22.24
C LEU A 74 -12.56 13.94 23.76
N ASN A 75 -12.70 12.70 24.26
CA ASN A 75 -12.64 12.43 25.69
C ASN A 75 -11.18 12.46 26.14
N GLU A 76 -10.98 13.14 27.25
CA GLU A 76 -9.66 13.35 27.80
C GLU A 76 -9.09 12.08 28.33
N ASN A 77 -9.93 11.26 28.90
CA ASN A 77 -9.47 10.02 29.41
C ASN A 77 -8.94 9.16 28.27
N LEU A 78 -9.73 8.98 27.24
CA LEU A 78 -9.39 8.06 26.14
C LEU A 78 -8.24 8.58 25.31
N LYS A 79 -8.13 9.90 25.15
CA LYS A 79 -7.16 10.48 24.21
C LYS A 79 -5.73 10.11 24.57
N THR A 80 -5.43 9.99 25.86
CA THR A 80 -4.07 9.73 26.31
C THR A 80 -3.90 8.34 26.92
N SER A 81 -4.94 7.51 26.80
CA SER A 81 -4.88 6.19 27.42
C SER A 81 -4.75 5.01 26.48
N VAL A 82 -3.96 4.04 26.92
CA VAL A 82 -3.74 2.80 26.19
C VAL A 82 -4.37 1.68 27.00
N PHE A 83 -5.32 0.99 26.39
CA PHE A 83 -5.93 -0.19 26.98
C PHE A 83 -5.08 -1.39 26.56
N THR A 84 -4.40 -2.00 27.52
CA THR A 84 -3.42 -3.04 27.23
C THR A 84 -3.99 -4.45 27.25
N LYS A 85 -5.24 -4.62 27.65
CA LYS A 85 -5.88 -5.94 27.68
C LYS A 85 -7.26 -5.78 27.08
N PRO A 86 -7.33 -5.44 25.79
CA PRO A 86 -8.62 -5.07 25.21
C PRO A 86 -9.59 -6.22 25.01
N ALA A 87 -9.15 -7.48 25.14
CA ALA A 87 -10.02 -8.61 24.82
C ALA A 87 -11.30 -8.59 25.67
N HIS A 88 -11.18 -8.23 26.92
CA HIS A 88 -12.32 -8.14 27.79
C HIS A 88 -13.27 -7.03 27.34
N ILE A 89 -12.71 -5.94 26.84
CA ILE A 89 -13.51 -4.83 26.35
C ILE A 89 -14.30 -5.25 25.12
N TYR A 90 -13.65 -5.95 24.17
CA TYR A 90 -14.36 -6.44 23.00
C TYR A 90 -15.51 -7.35 23.38
N GLN A 91 -15.23 -8.33 24.23
CA GLN A 91 -16.27 -9.28 24.63
C GLN A 91 -17.41 -8.57 25.34
N SER A 92 -17.09 -7.68 26.29
CA SER A 92 -18.13 -6.96 27.01
C SER A 92 -18.98 -6.13 26.08
N LEU A 93 -18.36 -5.47 25.09
CA LEU A 93 -19.10 -4.59 24.21
C LEU A 93 -20.08 -5.37 23.35
N GLU A 94 -19.63 -6.49 22.77
CA GLU A 94 -20.50 -7.33 21.97
C GLU A 94 -21.65 -7.90 22.80
N HIS A 95 -21.41 -8.16 24.09
CA HIS A 95 -22.46 -8.69 24.93
C HIS A 95 -23.48 -7.61 25.29
N ILE A 96 -23.04 -6.46 25.80
CA ILE A 96 -24.02 -5.46 26.26
C ILE A 96 -24.77 -4.84 25.08
N LEU A 97 -24.15 -4.76 23.89
CA LEU A 97 -24.82 -4.24 22.72
C LEU A 97 -25.49 -5.32 21.88
N ASP A 98 -25.36 -6.59 22.29
CA ASP A 98 -25.89 -7.74 21.57
C ASP A 98 -25.58 -7.66 20.07
N ILE A 99 -24.29 -7.77 19.78
CA ILE A 99 -23.82 -7.75 18.42
C ILE A 99 -24.01 -9.12 17.77
N HIS B 6 -9.41 8.45 13.39
CA HIS B 6 -10.74 8.93 13.05
C HIS B 6 -11.43 9.58 14.25
N HIS B 7 -11.78 10.86 14.10
CA HIS B 7 -12.57 11.53 15.11
C HIS B 7 -13.96 10.89 15.18
N GLU B 8 -14.45 10.69 16.40
CA GLU B 8 -15.80 10.22 16.71
C GLU B 8 -16.11 8.80 16.25
N GLY B 9 -15.10 8.00 15.92
CA GLY B 9 -15.37 6.63 15.53
C GLY B 9 -14.92 5.61 16.54
N GLU B 10 -14.93 5.98 17.82
CA GLU B 10 -14.39 5.11 18.87
C GLU B 10 -15.05 3.74 18.84
N LEU B 11 -16.39 3.73 18.80
CA LEU B 11 -17.13 2.48 18.82
C LEU B 11 -16.88 1.67 17.56
N LYS B 12 -16.86 2.35 16.41
CA LYS B 12 -16.57 1.67 15.14
C LYS B 12 -15.15 1.11 15.13
N THR B 13 -14.19 1.87 15.65
CA THR B 13 -12.81 1.39 15.69
C THR B 13 -12.70 0.14 16.54
N ILE B 14 -13.27 0.20 17.76
CA ILE B 14 -13.12 -0.89 18.72
C ILE B 14 -13.68 -2.18 18.15
N GLY B 16 -14.26 -3.03 14.99
CA GLY B 16 -13.45 -3.54 13.90
C GLY B 16 -12.22 -4.25 14.41
N GLN B 17 -11.57 -3.67 15.43
CA GLN B 17 -10.41 -4.31 16.04
C GLN B 17 -10.77 -5.66 16.66
N ALA B 18 -12.02 -5.81 17.11
CA ALA B 18 -12.43 -7.05 17.79
C ALA B 18 -12.33 -8.25 16.86
N LYS B 19 -12.56 -8.04 15.56
CA LYS B 19 -12.39 -9.10 14.59
C LYS B 19 -10.95 -9.60 14.55
N VAL B 20 -9.99 -8.68 14.51
CA VAL B 20 -8.59 -9.11 14.42
C VAL B 20 -8.17 -9.76 15.72
N SER B 21 -8.71 -9.28 16.84
CA SER B 21 -8.42 -9.91 18.11
C SER B 21 -8.87 -11.37 18.11
N LYS B 22 -10.06 -11.64 17.56
CA LYS B 22 -10.56 -13.01 17.45
C LYS B 22 -9.69 -13.84 16.51
N LEU B 23 -9.12 -13.21 15.48
CA LEU B 23 -8.20 -13.92 14.60
C LEU B 23 -6.95 -14.36 15.36
N GLN B 24 -6.40 -13.49 16.22
CA GLN B 24 -5.27 -13.89 17.05
C GLN B 24 -5.67 -14.99 18.03
N GLU B 25 -6.91 -14.93 18.52
CA GLU B 25 -7.42 -16.02 19.36
C GLU B 25 -7.43 -17.33 18.60
N LYS B 26 -7.99 -17.33 17.38
CA LYS B 26 -8.04 -18.55 16.60
C LYS B 26 -6.64 -19.12 16.40
N LYS B 28 -3.96 -18.71 18.24
CA LYS B 28 -3.39 -19.26 19.46
C LYS B 28 -3.92 -20.66 19.74
N LEU B 29 -5.19 -20.89 19.41
CA LEU B 29 -5.82 -22.18 19.69
C LEU B 29 -5.48 -23.23 18.63
N ASP B 30 -5.24 -22.81 17.40
CA ASP B 30 -4.89 -23.75 16.34
C ASP B 30 -3.58 -24.44 16.71
N PRO B 31 -3.49 -25.77 16.62
CA PRO B 31 -2.24 -26.45 17.01
C PRO B 31 -1.11 -26.24 16.02
N ARG B 32 -1.39 -25.89 14.78
CA ARG B 32 -0.34 -25.61 13.82
C ARG B 32 0.41 -24.32 14.18
N SER B 33 1.72 -24.35 13.99
CA SER B 33 2.57 -23.18 14.17
C SER B 33 2.99 -22.56 12.85
N LYS B 34 2.71 -23.22 11.73
CA LYS B 34 3.06 -22.69 10.43
C LYS B 34 1.98 -23.10 9.45
N ILE B 35 1.39 -22.13 8.76
CA ILE B 35 0.31 -22.36 7.82
C ILE B 35 0.63 -21.57 6.56
N THR B 36 -0.05 -21.93 5.47
CA THR B 36 0.13 -21.16 4.25
C THR B 36 -0.64 -19.86 4.35
N PHE B 37 -0.31 -18.91 3.48
CA PHE B 37 -1.03 -17.65 3.50
C PHE B 37 -2.50 -17.85 3.13
N ASN B 38 -2.79 -18.85 2.28
CA ASN B 38 -4.17 -19.13 1.92
C ASN B 38 -4.95 -19.68 3.10
N ASP B 39 -4.35 -20.58 3.89
CA ASP B 39 -4.99 -21.00 5.12
C ASP B 39 -5.24 -19.82 6.05
N PHE B 40 -4.27 -18.91 6.13
CA PHE B 40 -4.43 -17.76 7.00
C PHE B 40 -5.59 -16.90 6.54
N LYS B 41 -5.69 -16.70 5.23
CA LYS B 41 -6.80 -15.95 4.66
C LYS B 41 -8.11 -16.61 5.06
N GLY B 42 -8.16 -17.94 4.99
CA GLY B 42 -9.36 -18.67 5.37
C GLY B 42 -9.76 -18.41 6.80
N ILE B 43 -8.80 -18.51 7.72
CA ILE B 43 -9.08 -18.25 9.14
C ILE B 43 -9.57 -16.82 9.36
N ALA B 44 -8.94 -15.84 8.68
CA ALA B 44 -9.36 -14.45 8.83
C ALA B 44 -10.78 -14.24 8.34
N LYS B 45 -11.14 -14.88 7.22
CA LYS B 45 -12.51 -14.75 6.74
C LYS B 45 -13.50 -15.42 7.70
N GLU B 46 -13.08 -16.45 8.43
CA GLU B 46 -13.97 -17.09 9.40
C GLU B 46 -14.38 -16.15 10.54
N VAL B 47 -13.56 -15.14 10.85
CA VAL B 47 -13.91 -14.16 11.87
C VAL B 47 -14.49 -12.90 11.24
N GLY B 48 -14.77 -12.91 9.95
CA GLY B 48 -15.45 -11.80 9.31
C GLY B 48 -14.56 -10.72 8.78
N ILE B 49 -13.30 -11.03 8.47
CA ILE B 49 -12.37 -10.08 7.86
C ILE B 49 -12.45 -10.29 6.36
N GLU B 50 -12.84 -9.26 5.62
CA GLU B 50 -13.02 -9.42 4.19
C GLU B 50 -11.68 -9.57 3.47
N GLU B 51 -11.75 -10.11 2.26
CA GLU B 51 -10.57 -10.28 1.42
C GLU B 51 -9.87 -8.95 1.19
N LYS B 52 -10.65 -7.87 1.14
CA LYS B 52 -10.15 -6.54 0.80
C LYS B 52 -9.29 -5.94 1.92
N GLU B 53 -9.47 -6.40 3.16
CA GLU B 53 -8.69 -5.88 4.28
C GLU B 53 -7.60 -6.83 4.75
N ILE B 54 -7.45 -8.00 4.12
CA ILE B 54 -6.57 -9.04 4.66
C ILE B 54 -5.12 -8.60 4.61
N ASN B 55 -4.73 -7.88 3.55
CA ASN B 55 -3.34 -7.50 3.41
C ASN B 55 -2.96 -6.46 4.46
N SER B 56 -3.89 -5.56 4.77
CA SER B 56 -3.67 -4.58 5.84
C SER B 56 -3.70 -5.23 7.21
N VAL B 57 -4.53 -6.27 7.40
CA VAL B 57 -4.55 -6.96 8.69
C VAL B 57 -3.26 -7.76 8.86
N SER B 58 -2.85 -8.47 7.81
CA SER B 58 -1.64 -9.26 7.88
C SER B 58 -0.40 -8.38 8.08
N ASN B 59 -0.42 -7.15 7.55
N ASN B 59 -0.44 -7.14 7.58
CA ASN B 59 0.69 -6.23 7.77
CA ASN B 59 0.69 -6.25 7.78
C ASN B 59 0.72 -5.77 9.22
C ASN B 59 0.74 -5.71 9.20
N ALA B 60 -0.43 -5.42 9.79
CA ALA B 60 -0.45 -4.98 11.18
C ALA B 60 -0.07 -6.10 12.14
N LEU B 61 -0.45 -7.34 11.81
CA LEU B 61 -0.10 -8.46 12.68
C LEU B 61 1.39 -8.77 12.64
N ALA B 62 1.99 -8.69 11.45
CA ALA B 62 3.44 -8.88 11.37
C ALA B 62 4.18 -7.78 12.14
N GLN B 63 3.76 -6.52 11.95
CA GLN B 63 4.46 -5.41 12.57
C GLN B 63 4.29 -5.41 14.10
N SER B 64 3.19 -5.95 14.60
N SER B 64 3.18 -5.96 14.59
CA SER B 64 3.02 -6.12 16.03
CA SER B 64 2.98 -6.14 16.01
C SER B 64 3.67 -7.38 16.55
C SER B 64 3.74 -7.34 16.56
N GLY B 65 4.34 -8.14 15.68
CA GLY B 65 5.02 -9.34 16.11
C GLY B 65 4.12 -10.51 16.41
N SER B 66 2.87 -10.49 15.94
CA SER B 66 1.98 -11.60 16.27
C SER B 66 2.10 -12.73 15.26
N ILE B 67 2.50 -12.43 14.04
CA ILE B 67 2.84 -13.44 13.05
C ILE B 67 4.19 -13.06 12.46
N ILE B 68 4.85 -14.04 11.85
CA ILE B 68 5.90 -13.77 10.87
C ILE B 68 5.35 -14.12 9.50
N TYR B 69 5.42 -13.16 8.60
CA TYR B 69 4.91 -13.33 7.25
C TYR B 69 5.83 -12.52 6.35
N LEU B 70 6.58 -13.19 5.47
CA LEU B 70 7.65 -12.57 4.71
C LEU B 70 7.41 -12.71 3.21
N PRO B 71 6.41 -12.00 2.66
CA PRO B 71 6.09 -12.16 1.23
C PRO B 71 7.20 -11.71 0.29
N ASN B 72 8.13 -10.86 0.74
CA ASN B 72 9.22 -10.39 -0.11
C ASN B 72 10.43 -11.30 -0.09
N SER B 73 10.41 -12.36 0.72
CA SER B 73 11.50 -13.30 0.75
C SER B 73 11.66 -13.97 -0.62
N LEU B 74 12.88 -14.44 -0.89
CA LEU B 74 13.15 -15.22 -2.07
C LEU B 74 13.04 -16.72 -1.82
N ASN B 75 13.15 -17.17 -0.56
CA ASN B 75 12.91 -18.57 -0.21
C ASN B 75 11.41 -18.83 -0.40
N GLU B 76 11.08 -19.65 -1.37
CA GLU B 76 9.70 -19.93 -1.70
C GLU B 76 8.83 -20.36 -0.54
N ASN B 77 9.40 -21.08 0.37
CA ASN B 77 8.62 -21.55 1.52
C ASN B 77 8.27 -20.39 2.45
N LEU B 78 9.24 -19.54 2.76
CA LEU B 78 8.97 -18.38 3.62
C LEU B 78 8.01 -17.41 2.94
N LYS B 79 8.14 -17.25 1.65
CA LYS B 79 7.32 -16.31 0.94
C LYS B 79 5.83 -16.56 1.01
N THR B 80 5.42 -17.81 1.12
CA THR B 80 4.00 -18.18 1.16
C THR B 80 3.58 -18.76 2.50
N SER B 81 4.36 -18.54 3.56
CA SER B 81 4.06 -19.11 4.86
C SER B 81 3.81 -18.04 5.91
N VAL B 82 2.93 -18.37 6.84
CA VAL B 82 2.61 -17.56 8.00
C VAL B 82 2.99 -18.36 9.23
N PHE B 83 3.82 -17.78 10.11
CA PHE B 83 4.19 -18.40 11.38
C PHE B 83 3.28 -17.83 12.46
N THR B 84 2.35 -18.65 12.96
CA THR B 84 1.25 -18.20 13.81
C THR B 84 1.61 -18.12 15.28
N LYS B 85 2.74 -18.70 15.70
CA LYS B 85 3.22 -18.61 17.08
C LYS B 85 4.70 -18.21 17.05
N PRO B 86 4.99 -16.99 16.60
CA PRO B 86 6.38 -16.61 16.31
C PRO B 86 7.26 -16.41 17.54
N ALA B 87 6.68 -16.35 18.74
CA ALA B 87 7.49 -16.12 19.94
C ALA B 87 8.61 -17.14 20.05
N HIS B 88 8.31 -18.39 19.75
CA HIS B 88 9.34 -19.43 19.80
C HIS B 88 10.46 -19.15 18.81
N ILE B 89 10.13 -18.59 17.64
CA ILE B 89 11.16 -18.27 16.67
C ILE B 89 12.01 -17.09 17.13
N TYR B 90 11.36 -16.03 17.63
CA TYR B 90 12.12 -14.90 18.18
C TYR B 90 13.12 -15.38 19.23
N GLN B 91 12.66 -16.18 20.19
CA GLN B 91 13.54 -16.60 21.28
C GLN B 91 14.66 -17.47 20.76
N SER B 92 14.34 -18.44 19.88
CA SER B 92 15.37 -19.32 19.35
C SER B 92 16.43 -18.53 18.62
N LEU B 93 16.02 -17.57 17.77
CA LEU B 93 16.98 -16.78 17.01
C LEU B 93 17.92 -15.99 17.93
N GLU B 94 17.38 -15.36 18.97
CA GLU B 94 18.24 -14.69 19.94
C GLU B 94 19.15 -15.66 20.67
N HIS B 95 18.68 -16.89 20.90
CA HIS B 95 19.48 -17.91 21.56
C HIS B 95 20.65 -18.33 20.67
N ILE B 96 20.36 -18.82 19.46
CA ILE B 96 21.40 -19.43 18.64
C ILE B 96 22.36 -18.42 18.03
N LEU B 97 21.95 -17.16 17.87
CA LEU B 97 22.87 -16.15 17.36
C LEU B 97 23.38 -15.21 18.45
N ASP B 98 22.92 -15.38 19.69
CA ASP B 98 23.30 -14.55 20.82
C ASP B 98 23.21 -13.06 20.48
N ILE B 99 21.98 -12.63 20.24
CA ILE B 99 21.67 -11.24 19.92
C ILE B 99 20.42 -10.82 20.69
N GLU C 8 -18.31 4.11 -16.45
CA GLU C 8 -19.35 4.62 -15.56
C GLU C 8 -19.52 6.10 -15.82
N GLY C 9 -19.93 6.86 -14.82
CA GLY C 9 -20.04 8.29 -14.97
C GLY C 9 -18.67 8.94 -14.86
N GLU C 10 -18.60 10.20 -15.34
CA GLU C 10 -17.34 10.94 -15.33
C GLU C 10 -16.76 11.00 -13.92
N LEU C 11 -17.61 11.15 -12.91
CA LEU C 11 -17.15 11.28 -11.53
C LEU C 11 -16.45 10.00 -11.07
N LYS C 12 -17.07 8.87 -11.35
CA LYS C 12 -16.50 7.62 -10.97
C LYS C 12 -15.13 7.46 -11.61
N THR C 13 -15.01 7.79 -12.88
CA THR C 13 -13.75 7.67 -13.61
C THR C 13 -12.67 8.55 -13.01
N ILE C 14 -12.97 9.83 -12.82
CA ILE C 14 -12.00 10.76 -12.30
C ILE C 14 -11.51 10.29 -10.94
N GLY C 16 -11.52 7.20 -9.63
CA GLY C 16 -10.69 6.01 -9.72
C GLY C 16 -9.29 6.34 -10.19
N GLN C 17 -9.18 7.28 -11.13
CA GLN C 17 -7.87 7.74 -11.60
C GLN C 17 -7.09 8.43 -10.50
N ALA C 18 -7.79 9.21 -9.66
CA ALA C 18 -7.14 9.92 -8.57
C ALA C 18 -6.33 8.97 -7.68
N LYS C 19 -6.80 7.73 -7.53
CA LYS C 19 -6.04 6.76 -6.74
C LYS C 19 -4.70 6.43 -7.39
N VAL C 20 -4.67 6.27 -8.72
CA VAL C 20 -3.40 5.96 -9.36
C VAL C 20 -2.46 7.15 -9.33
N SER C 21 -3.00 8.37 -9.50
CA SER C 21 -2.20 9.57 -9.36
C SER C 21 -1.59 9.67 -7.95
N LYS C 22 -2.31 9.20 -6.94
CA LYS C 22 -1.73 9.15 -5.59
C LYS C 22 -0.63 8.11 -5.53
N LEU C 23 -0.80 6.99 -6.23
CA LEU C 23 0.24 5.98 -6.28
C LEU C 23 1.51 6.54 -6.92
N GLN C 24 1.36 7.36 -7.97
CA GLN C 24 2.53 7.93 -8.62
C GLN C 24 3.24 8.92 -7.71
N GLU C 25 2.48 9.64 -6.89
CA GLU C 25 3.13 10.58 -5.96
C GLU C 25 3.88 9.83 -4.87
N LYS C 26 3.34 8.71 -4.40
CA LYS C 26 4.06 7.92 -3.41
C LYS C 26 5.36 7.37 -3.95
N LYS C 28 7.20 8.74 -6.38
CA LYS C 28 8.14 9.86 -6.48
C LYS C 28 8.79 10.15 -5.13
N LEU C 29 8.01 10.11 -4.07
CA LEU C 29 8.52 10.39 -2.74
C LEU C 29 9.36 9.25 -2.16
N ASP C 30 9.17 8.02 -2.63
CA ASP C 30 9.93 6.89 -2.10
C ASP C 30 11.38 7.00 -2.54
N PRO C 31 12.34 6.94 -1.61
CA PRO C 31 13.76 7.07 -2.00
C PRO C 31 14.27 5.91 -2.85
N ARG C 32 13.59 4.77 -2.86
CA ARG C 32 14.04 3.65 -3.67
C ARG C 32 13.71 3.89 -5.13
N SER C 33 14.60 3.45 -6.00
CA SER C 33 14.33 3.54 -7.43
C SER C 33 13.88 2.21 -8.03
N LYS C 34 13.92 1.13 -7.26
CA LYS C 34 13.51 -0.18 -7.74
C LYS C 34 12.90 -0.95 -6.57
N ILE C 35 11.73 -1.52 -6.80
CA ILE C 35 11.03 -2.24 -5.74
C ILE C 35 10.47 -3.53 -6.32
N THR C 36 10.05 -4.43 -5.43
CA THR C 36 9.42 -5.65 -5.89
C THR C 36 7.96 -5.37 -6.23
N PHE C 37 7.43 -6.19 -7.14
CA PHE C 37 6.02 -6.09 -7.46
C PHE C 37 5.17 -6.21 -6.20
N ASN C 38 5.58 -7.06 -5.26
CA ASN C 38 4.88 -7.18 -3.99
C ASN C 38 4.86 -5.85 -3.25
N ASP C 39 6.01 -5.18 -3.17
CA ASP C 39 6.05 -3.83 -2.61
C ASP C 39 5.12 -2.89 -3.38
N PHE C 40 5.20 -2.90 -4.72
CA PHE C 40 4.30 -2.10 -5.54
C PHE C 40 2.84 -2.38 -5.18
N LYS C 41 2.49 -3.66 -5.11
CA LYS C 41 1.13 -4.06 -4.74
C LYS C 41 0.71 -3.44 -3.41
N GLY C 42 1.62 -3.45 -2.43
CA GLY C 42 1.32 -2.89 -1.12
C GLY C 42 1.07 -1.39 -1.17
N ILE C 43 1.93 -0.66 -1.87
CA ILE C 43 1.74 0.78 -2.01
C ILE C 43 0.40 1.07 -2.69
N ALA C 44 0.12 0.36 -3.78
CA ALA C 44 -1.16 0.53 -4.47
C ALA C 44 -2.33 0.28 -3.53
N LYS C 45 -2.30 -0.80 -2.77
CA LYS C 45 -3.38 -1.04 -1.83
C LYS C 45 -3.44 -0.01 -0.72
N GLU C 46 -2.31 0.63 -0.39
CA GLU C 46 -2.32 1.70 0.60
C GLU C 46 -3.05 2.95 0.11
N VAL C 47 -3.19 3.14 -1.20
CA VAL C 47 -3.94 4.28 -1.73
C VAL C 47 -5.32 3.86 -2.20
N GLY C 48 -5.75 2.64 -1.92
CA GLY C 48 -7.11 2.22 -2.19
C GLY C 48 -7.32 1.45 -3.46
N ILE C 49 -6.25 0.97 -4.09
CA ILE C 49 -6.36 0.17 -5.30
C ILE C 49 -6.43 -1.29 -4.89
N GLU C 50 -7.50 -1.97 -5.29
CA GLU C 50 -7.70 -3.34 -4.83
C GLU C 50 -6.90 -4.31 -5.68
N GLU C 51 -6.88 -5.57 -5.23
CA GLU C 51 -6.07 -6.60 -5.86
C GLU C 51 -6.52 -6.87 -7.29
N LYS C 52 -7.83 -6.85 -7.54
CA LYS C 52 -8.33 -7.15 -8.88
C LYS C 52 -8.03 -6.05 -9.89
N GLU C 53 -7.58 -4.89 -9.42
CA GLU C 53 -7.24 -3.77 -10.29
C GLU C 53 -5.74 -3.62 -10.53
N ILE C 54 -4.92 -4.27 -9.74
CA ILE C 54 -3.49 -4.12 -9.84
C ILE C 54 -2.86 -4.38 -11.17
N ASN C 55 -3.24 -5.44 -11.82
CA ASN C 55 -2.63 -5.73 -13.09
C ASN C 55 -2.93 -4.69 -14.18
N SER C 56 -4.13 -4.14 -14.16
CA SER C 56 -4.46 -3.15 -15.18
C SER C 56 -3.84 -1.81 -14.83
N VAL C 57 -3.72 -1.51 -13.54
CA VAL C 57 -3.00 -0.32 -13.12
C VAL C 57 -1.53 -0.42 -13.48
N SER C 58 -0.89 -1.56 -13.21
N SER C 58 -0.90 -1.56 -13.22
CA SER C 58 0.52 -1.72 -13.56
CA SER C 58 0.50 -1.75 -13.60
C SER C 58 0.72 -1.68 -15.07
C SER C 58 0.66 -1.64 -15.12
N ASN C 59 -0.18 -2.31 -15.83
N ASN C 59 -0.20 -2.31 -15.87
CA ASN C 59 -0.11 -2.21 -17.29
CA ASN C 59 -0.14 -2.21 -17.33
C ASN C 59 -0.23 -0.75 -17.73
C ASN C 59 -0.30 -0.77 -17.80
N ALA C 60 -1.16 0.00 -17.13
CA ALA C 60 -1.37 1.37 -17.56
C ALA C 60 -0.18 2.26 -17.23
N LEU C 61 0.48 2.02 -16.08
CA LEU C 61 1.64 2.81 -15.73
C LEU C 61 2.85 2.47 -16.59
N ALA C 62 3.00 1.20 -16.99
CA ALA C 62 4.09 0.87 -17.90
C ALA C 62 3.87 1.51 -19.27
N GLN C 63 2.66 1.42 -19.82
CA GLN C 63 2.37 2.00 -21.12
C GLN C 63 2.50 3.52 -21.11
N SER C 64 2.30 4.14 -19.95
N SER C 64 2.20 4.17 -19.98
CA SER C 64 2.40 5.60 -19.83
CA SER C 64 2.38 5.61 -19.83
C SER C 64 3.84 6.02 -19.56
C SER C 64 3.84 6.01 -19.69
N GLY C 65 4.74 5.04 -19.50
CA GLY C 65 6.12 5.35 -19.23
C GLY C 65 6.41 5.81 -17.82
N SER C 66 5.45 5.68 -16.89
CA SER C 66 5.66 6.08 -15.50
C SER C 66 6.45 5.04 -14.71
N ILE C 67 6.40 3.77 -15.11
CA ILE C 67 7.20 2.73 -14.50
C ILE C 67 7.78 1.87 -15.61
N ILE C 68 8.84 1.14 -15.28
CA ILE C 68 9.31 0.02 -16.09
C ILE C 68 9.02 -1.24 -15.29
N TYR C 69 8.30 -2.15 -15.90
CA TYR C 69 7.92 -3.42 -15.29
C TYR C 69 7.80 -4.42 -16.42
N LEU C 70 8.63 -5.45 -16.39
CA LEU C 70 8.75 -6.41 -17.49
C LEU C 70 8.55 -7.80 -16.92
N PRO C 71 7.32 -8.14 -16.55
CA PRO C 71 7.10 -9.40 -15.83
C PRO C 71 7.37 -10.64 -16.66
N ASN C 72 7.28 -10.54 -18.00
CA ASN C 72 7.52 -11.66 -18.88
C ASN C 72 8.91 -11.65 -19.51
N SER C 73 9.77 -10.71 -19.11
CA SER C 73 11.16 -10.80 -19.47
C SER C 73 11.79 -12.04 -18.83
N LEU C 74 12.91 -12.43 -19.44
CA LEU C 74 13.68 -13.59 -19.08
C LEU C 74 14.62 -13.37 -17.94
N ASN C 75 15.36 -12.27 -17.97
CA ASN C 75 16.29 -11.93 -16.90
C ASN C 75 15.52 -11.81 -15.60
N GLU C 76 15.82 -12.71 -14.66
CA GLU C 76 14.96 -12.89 -13.49
C GLU C 76 15.05 -11.73 -12.51
N ASN C 77 16.09 -10.89 -12.58
CA ASN C 77 16.07 -9.64 -11.82
C ASN C 77 14.92 -8.75 -12.29
N LEU C 78 14.78 -8.60 -13.61
CA LEU C 78 13.73 -7.74 -14.17
C LEU C 78 12.34 -8.33 -14.00
N LYS C 79 12.24 -9.65 -13.88
CA LYS C 79 10.94 -10.30 -13.80
C LYS C 79 10.12 -9.77 -12.64
N THR C 80 10.76 -9.49 -11.52
CA THR C 80 10.08 -9.18 -10.27
C THR C 80 10.30 -7.75 -9.83
N SER C 81 10.90 -6.92 -10.70
CA SER C 81 11.32 -5.57 -10.37
C SER C 81 10.39 -4.54 -11.01
N VAL C 82 10.02 -3.53 -10.23
CA VAL C 82 9.35 -2.34 -10.75
C VAL C 82 10.31 -1.17 -10.60
N PHE C 83 10.64 -0.53 -11.73
CA PHE C 83 11.45 0.69 -11.70
C PHE C 83 10.50 1.87 -11.54
N THR C 84 10.62 2.55 -10.41
CA THR C 84 9.66 3.59 -10.06
C THR C 84 10.08 4.97 -10.58
N LYS C 85 11.30 5.13 -11.07
CA LYS C 85 11.79 6.41 -11.59
C LYS C 85 12.45 6.18 -12.95
N PRO C 86 11.68 5.75 -13.94
CA PRO C 86 12.28 5.30 -15.21
C PRO C 86 12.91 6.41 -16.05
N ALA C 87 12.65 7.69 -15.74
CA ALA C 87 13.14 8.76 -16.60
C ALA C 87 14.66 8.74 -16.73
N HIS C 88 15.36 8.37 -15.66
CA HIS C 88 16.82 8.24 -15.76
C HIS C 88 17.22 7.11 -16.70
N ILE C 89 16.44 6.02 -16.70
CA ILE C 89 16.76 4.89 -17.56
C ILE C 89 16.54 5.25 -19.02
N TYR C 90 15.40 5.86 -19.33
CA TYR C 90 15.14 6.33 -20.68
C TYR C 90 16.25 7.24 -21.17
N GLN C 91 16.58 8.27 -20.38
CA GLN C 91 17.60 9.23 -20.77
C GLN C 91 18.93 8.55 -21.02
N SER C 92 19.32 7.63 -20.15
CA SER C 92 20.61 6.97 -20.30
C SER C 92 20.65 6.06 -21.52
N LEU C 93 19.61 5.25 -21.73
CA LEU C 93 19.57 4.39 -22.92
C LEU C 93 19.64 5.21 -24.20
N GLU C 94 18.89 6.32 -24.24
CA GLU C 94 18.91 7.20 -25.41
C GLU C 94 20.32 7.65 -25.70
N HIS C 95 21.06 8.03 -24.67
CA HIS C 95 22.39 8.60 -24.87
C HIS C 95 23.40 7.54 -25.29
N ILE C 96 23.47 6.44 -24.55
CA ILE C 96 24.55 5.48 -24.79
C ILE C 96 24.33 4.65 -26.06
N LEU C 97 23.12 4.65 -26.61
CA LEU C 97 22.81 3.88 -27.81
C LEU C 97 22.43 4.74 -29.01
N ASP C 98 21.67 5.82 -28.80
CA ASP C 98 21.27 6.76 -29.84
C ASP C 98 20.62 6.04 -31.03
N ILE C 99 19.52 5.34 -30.75
CA ILE C 99 18.84 4.61 -31.82
C ILE C 99 18.27 5.54 -32.87
N GLU C 100 17.95 6.78 -32.50
CA GLU C 100 17.38 7.73 -33.45
C GLU C 100 18.48 8.51 -34.17
N GLU D 8 11.96 -11.49 -24.45
CA GLU D 8 12.55 -10.78 -25.58
C GLU D 8 11.70 -9.55 -25.91
N GLY D 9 12.36 -8.49 -26.40
CA GLY D 9 11.69 -7.24 -26.65
C GLY D 9 11.80 -6.22 -25.54
N GLU D 10 12.62 -6.48 -24.51
CA GLU D 10 12.74 -5.56 -23.38
C GLU D 10 13.17 -4.17 -23.84
N LEU D 11 14.18 -4.09 -24.69
CA LEU D 11 14.64 -2.80 -25.16
C LEU D 11 13.66 -2.08 -26.03
N LYS D 12 12.99 -2.78 -26.91
CA LYS D 12 11.95 -2.11 -27.71
C LYS D 12 10.85 -1.58 -26.82
N THR D 13 10.53 -2.32 -25.75
CA THR D 13 9.46 -1.93 -24.84
C THR D 13 9.83 -0.67 -24.07
N ILE D 14 11.05 -0.62 -23.53
CA ILE D 14 11.50 0.57 -22.82
C ILE D 14 11.49 1.78 -23.75
N GLY D 16 9.84 2.50 -26.42
CA GLY D 16 8.53 3.03 -26.75
C GLY D 16 7.91 3.80 -25.60
N GLN D 17 8.04 3.25 -24.39
CA GLN D 17 7.62 3.97 -23.19
C GLN D 17 8.31 5.32 -23.07
N ALA D 18 9.60 5.39 -23.47
CA ALA D 18 10.35 6.64 -23.35
C ALA D 18 9.66 7.78 -24.06
N LYS D 19 8.97 7.52 -25.16
CA LYS D 19 8.28 8.61 -25.86
C LYS D 19 7.11 9.12 -25.05
N VAL D 20 6.35 8.22 -24.40
CA VAL D 20 5.21 8.66 -23.60
C VAL D 20 5.69 9.39 -22.37
N SER D 21 6.80 8.94 -21.78
CA SER D 21 7.43 9.69 -20.70
C SER D 21 7.79 11.10 -21.16
N LYS D 22 8.33 11.23 -22.37
CA LYS D 22 8.58 12.56 -22.93
C LYS D 22 7.30 13.34 -23.12
N LEU D 23 6.21 12.66 -23.50
CA LEU D 23 4.94 13.36 -23.64
C LEU D 23 4.46 13.89 -22.30
N GLN D 24 4.64 13.11 -21.22
CA GLN D 24 4.29 13.59 -19.90
C GLN D 24 5.14 14.80 -19.52
N GLU D 25 6.42 14.80 -19.90
CA GLU D 25 7.28 15.94 -19.61
C GLU D 25 6.78 17.20 -20.30
N LYS D 26 6.47 17.10 -21.60
CA LYS D 26 6.02 18.27 -22.35
C LYS D 26 4.72 18.84 -21.80
N LYS D 28 3.78 18.77 -18.64
CA LYS D 28 4.10 19.48 -17.42
C LYS D 28 4.62 20.88 -17.71
N LEU D 29 5.35 21.04 -18.82
CA LEU D 29 5.89 22.35 -19.16
C LEU D 29 4.88 23.25 -19.85
N ASP D 30 3.89 22.68 -20.53
CA ASP D 30 2.90 23.49 -21.22
C ASP D 30 2.05 24.26 -20.22
N PRO D 31 1.93 25.59 -20.36
CA PRO D 31 1.16 26.35 -19.35
C PRO D 31 -0.32 26.03 -19.33
N ARG D 32 -0.88 25.53 -20.42
CA ARG D 32 -2.30 25.21 -20.44
C ARG D 32 -2.59 23.99 -19.58
N SER D 33 -3.74 24.01 -18.92
CA SER D 33 -4.20 22.87 -18.12
C SER D 33 -5.36 22.14 -18.77
N LYS D 34 -5.90 22.66 -19.86
CA LYS D 34 -6.96 22.02 -20.60
C LYS D 34 -6.75 22.34 -22.07
N ILE D 35 -6.69 21.30 -22.91
CA ILE D 35 -6.48 21.45 -24.33
C ILE D 35 -7.50 20.57 -25.04
N THR D 36 -7.60 20.72 -26.35
CA THR D 36 -8.43 19.82 -27.12
C THR D 36 -7.67 18.53 -27.40
N PHE D 37 -8.42 17.46 -27.68
CA PHE D 37 -7.75 16.22 -28.05
C PHE D 37 -6.84 16.42 -29.25
N ASN D 38 -7.21 17.35 -30.15
CA ASN D 38 -6.40 17.59 -31.34
C ASN D 38 -5.08 18.27 -30.98
N ASP D 39 -5.12 19.23 -30.05
CA ASP D 39 -3.90 19.77 -29.47
C ASP D 39 -3.06 18.67 -28.85
N PHE D 40 -3.70 17.77 -28.09
CA PHE D 40 -2.97 16.67 -27.48
C PHE D 40 -2.28 15.81 -28.55
N LYS D 41 -3.03 15.44 -29.60
CA LYS D 41 -2.45 14.67 -30.70
C LYS D 41 -1.22 15.35 -31.27
N GLY D 42 -1.27 16.67 -31.43
CA GLY D 42 -0.12 17.39 -31.94
C GLY D 42 1.09 17.22 -31.05
N ILE D 43 0.92 17.41 -29.74
CA ILE D 43 2.03 17.28 -28.80
C ILE D 43 2.58 15.87 -28.83
N ALA D 44 1.71 14.86 -28.87
CA ALA D 44 2.16 13.49 -28.93
C ALA D 44 3.00 13.25 -30.18
N LYS D 45 2.65 13.90 -31.26
CA LYS D 45 3.39 13.75 -32.50
C LYS D 45 4.74 14.42 -32.39
N GLU D 46 4.82 15.52 -31.67
CA GLU D 46 6.07 16.23 -31.48
C GLU D 46 7.15 15.34 -30.87
N VAL D 47 6.77 14.40 -30.00
CA VAL D 47 7.73 13.54 -29.33
C VAL D 47 7.89 12.21 -30.05
N GLY D 48 7.32 12.09 -31.24
CA GLY D 48 7.55 10.92 -32.07
C GLY D 48 6.60 9.77 -31.86
N ILE D 49 5.42 10.02 -31.31
CA ILE D 49 4.44 8.95 -31.13
C ILE D 49 3.62 8.84 -32.40
N GLU D 50 3.53 7.64 -32.93
CA GLU D 50 2.82 7.40 -34.19
C GLU D 50 1.33 7.64 -34.03
N GLU D 51 0.72 8.23 -35.06
CA GLU D 51 -0.70 8.57 -35.01
C GLU D 51 -1.55 7.33 -34.70
N LYS D 52 -1.10 6.16 -35.14
CA LYS D 52 -1.82 4.91 -34.90
C LYS D 52 -1.77 4.47 -33.44
N GLU D 53 -0.95 5.12 -32.62
CA GLU D 53 -0.81 4.76 -31.21
C GLU D 53 -1.40 5.80 -30.27
N ILE D 54 -1.82 6.96 -30.78
CA ILE D 54 -2.16 8.09 -29.93
C ILE D 54 -3.36 7.78 -29.06
N ASN D 55 -4.34 7.04 -29.59
CA ASN D 55 -5.52 6.72 -28.80
C ASN D 55 -5.18 5.74 -27.68
N SER D 56 -4.30 4.78 -27.94
CA SER D 56 -3.91 3.85 -26.89
C SER D 56 -3.03 4.54 -25.85
N VAL D 57 -2.26 5.54 -26.25
CA VAL D 57 -1.43 6.26 -25.29
C VAL D 57 -2.31 7.17 -24.43
N SER D 58 -3.30 7.83 -25.03
CA SER D 58 -4.19 8.67 -24.24
C SER D 58 -4.98 7.84 -23.22
N ASN D 59 -5.33 6.61 -23.57
N ASN D 59 -5.35 6.62 -23.59
CA ASN D 59 -6.08 5.79 -22.60
CA ASN D 59 -6.07 5.76 -22.66
C ASN D 59 -5.17 5.27 -21.49
C ASN D 59 -5.16 5.32 -21.51
N ALA D 60 -3.94 4.88 -21.81
CA ALA D 60 -3.02 4.49 -20.74
C ALA D 60 -2.75 5.66 -19.80
N LEU D 61 -2.55 6.85 -20.36
CA LEU D 61 -2.26 8.03 -19.54
C LEU D 61 -3.46 8.41 -18.68
N ALA D 62 -4.69 8.21 -19.17
CA ALA D 62 -5.86 8.49 -18.36
C ALA D 62 -5.99 7.48 -17.23
N GLN D 63 -5.81 6.19 -17.54
CA GLN D 63 -5.93 5.15 -16.52
C GLN D 63 -4.85 5.26 -15.46
N SER D 64 -3.70 5.82 -15.81
N SER D 64 -3.69 5.82 -15.81
CA SER D 64 -2.65 6.06 -14.83
CA SER D 64 -2.64 6.07 -14.83
C SER D 64 -2.83 7.37 -14.10
C SER D 64 -2.88 7.33 -14.03
N GLY D 65 -3.90 8.12 -14.37
CA GLY D 65 -4.16 9.35 -13.68
C GLY D 65 -3.32 10.53 -14.12
N SER D 66 -2.59 10.41 -15.25
CA SER D 66 -1.71 11.48 -15.70
C SER D 66 -2.44 12.55 -16.49
N ILE D 67 -3.55 12.19 -17.14
CA ILE D 67 -4.46 13.16 -17.75
C ILE D 67 -5.88 12.77 -17.35
N ILE D 68 -6.82 13.68 -17.60
CA ILE D 68 -8.24 13.38 -17.60
C ILE D 68 -8.70 13.52 -19.04
N TYR D 69 -9.25 12.44 -19.58
CA TYR D 69 -9.73 12.45 -20.95
C TYR D 69 -10.93 11.51 -20.99
N LEU D 70 -12.09 12.05 -21.36
CA LEU D 70 -13.36 11.37 -21.17
C LEU D 70 -14.09 11.22 -22.52
N PRO D 71 -13.54 10.41 -23.44
CA PRO D 71 -14.16 10.30 -24.76
C PRO D 71 -15.55 9.69 -24.75
N ASN D 72 -15.93 8.95 -23.70
CA ASN D 72 -17.26 8.39 -23.59
C ASN D 72 -18.27 9.35 -22.96
N SER D 73 -17.85 10.57 -22.66
CA SER D 73 -18.77 11.53 -22.08
C SER D 73 -19.81 11.94 -23.11
N LEU D 74 -21.02 12.23 -22.62
CA LEU D 74 -22.05 12.76 -23.50
C LEU D 74 -22.03 14.27 -23.55
N ASN D 75 -21.35 14.93 -22.61
CA ASN D 75 -21.03 16.34 -22.75
C ASN D 75 -19.97 16.51 -23.83
N GLU D 76 -20.31 17.31 -24.83
CA GLU D 76 -19.44 17.52 -25.96
C GLU D 76 -18.15 18.26 -25.67
N ASN D 77 -18.11 19.03 -24.61
CA ASN D 77 -16.86 19.70 -24.26
C ASN D 77 -15.87 18.72 -23.64
N LEU D 78 -16.28 18.06 -22.54
CA LEU D 78 -15.45 17.01 -21.93
C LEU D 78 -15.05 15.96 -22.96
N LYS D 79 -15.95 15.65 -23.90
CA LYS D 79 -15.73 14.56 -24.84
C LYS D 79 -14.48 14.80 -25.68
N THR D 80 -14.13 16.06 -25.96
CA THR D 80 -13.01 16.39 -26.82
C THR D 80 -11.95 17.21 -26.10
N SER D 81 -11.92 17.16 -24.77
CA SER D 81 -10.94 17.90 -23.99
C SER D 81 -10.00 16.94 -23.28
N VAL D 82 -8.78 17.41 -23.06
CA VAL D 82 -7.76 16.71 -22.32
C VAL D 82 -7.30 17.63 -21.19
N PHE D 83 -7.43 17.17 -19.95
CA PHE D 83 -6.93 17.93 -18.81
C PHE D 83 -5.53 17.42 -18.50
N THR D 84 -4.53 18.28 -18.71
CA THR D 84 -3.12 17.88 -18.71
C THR D 84 -2.47 17.93 -17.34
N LYS D 85 -3.08 18.60 -16.37
CA LYS D 85 -2.56 18.69 -15.01
C LYS D 85 -3.69 18.29 -14.06
N PRO D 86 -4.08 17.01 -14.09
CA PRO D 86 -5.32 16.62 -13.40
C PRO D 86 -5.20 16.59 -11.89
N ALA D 87 -3.99 16.66 -11.34
CA ALA D 87 -3.81 16.55 -9.89
C ALA D 87 -4.65 17.59 -9.14
N HIS D 88 -4.79 18.79 -9.71
CA HIS D 88 -5.57 19.83 -9.06
C HIS D 88 -7.06 19.50 -9.10
N ILE D 89 -7.54 18.91 -10.19
CA ILE D 89 -8.93 18.47 -10.24
C ILE D 89 -9.20 17.37 -9.22
N TYR D 90 -8.31 16.37 -9.13
CA TYR D 90 -8.46 15.32 -8.11
C TYR D 90 -8.55 15.95 -6.72
N GLN D 91 -7.62 16.86 -6.41
CA GLN D 91 -7.60 17.48 -5.09
C GLN D 91 -8.87 18.29 -4.86
N SER D 92 -9.26 19.10 -5.84
CA SER D 92 -10.45 19.93 -5.69
C SER D 92 -11.71 19.09 -5.52
N LEU D 93 -11.80 17.96 -6.20
CA LEU D 93 -13.01 17.15 -6.08
C LEU D 93 -13.09 16.50 -4.71
N GLU D 94 -11.95 16.05 -4.17
CA GLU D 94 -11.90 15.55 -2.80
C GLU D 94 -12.22 16.65 -1.80
N HIS D 95 -11.84 17.89 -2.13
CA HIS D 95 -12.07 19.01 -1.22
C HIS D 95 -13.54 19.39 -1.16
N ILE D 96 -14.12 19.74 -2.30
CA ILE D 96 -15.50 20.25 -2.33
C ILE D 96 -16.53 19.16 -2.07
N LEU D 97 -16.22 17.89 -2.32
CA LEU D 97 -17.14 16.81 -2.04
C LEU D 97 -16.85 16.11 -0.71
N ASP D 98 -15.82 16.57 0.01
CA ASP D 98 -15.46 16.00 1.31
C ASP D 98 -15.33 14.48 1.22
N ILE D 99 -14.54 14.02 0.25
CA ILE D 99 -14.26 12.61 0.00
C ILE D 99 -15.56 11.82 -0.23
#